data_6RHT
#
_entry.id   6RHT
#
_cell.length_a   135.240
_cell.length_b   135.240
_cell.length_c   124.840
_cell.angle_alpha   90.00
_cell.angle_beta   90.00
_cell.angle_gamma   90.00
#
_symmetry.space_group_name_H-M   'I 4 2 2'
#
loop_
_entity.id
_entity.type
_entity.pdbx_description
1 polymer 'Putative L-lactate oxidase'
2 non-polymer 'FLAVIN MONONUCLEOTIDE'
3 non-polymer GLYCEROL
4 water water
#
_entity_poly.entity_id   1
_entity_poly.type   'polypeptide(L)'
_entity_poly.pdbx_seq_one_letter_code
;SMTMINGYEQSDREEKIDILNLESLEKQAEEIIPAGGFGYIAGGSEDEWTLKQNRMAFHHRQIAPKALSGIEKPELNTEI
FGIPLNTPVMMAPAAAQGLAHSQGEKDTARGLAAVGGLMAQSTYSSVSIAETAAAGGDAPQFFQLYMSKDWNFNESLLDE
AKKANVKAIILTVDATVDGYREADIKNKFTFPLPMANLIKFSEGNGQGKGIEEIYASAAQNIRPEDVKRIADYTNLPVIV
KGIQTPEDAIRAIDAGAAGIYVSNHGGRQLNGGPASFDVLEDIATAVNKQVPIIFDSGVRRGSDVFKALASGADLVALGR
PVIYGLALGGAKGVQSVFEHLNHELEIVMQLAGTKTIEDVKNNSLLNIKY
;
_entity_poly.pdbx_strand_id   A
#
loop_
_chem_comp.id
_chem_comp.type
_chem_comp.name
_chem_comp.formula
FMN non-polymer 'FLAVIN MONONUCLEOTIDE' 'C17 H21 N4 O9 P'
GOL non-polymer GLYCEROL 'C3 H8 O3'
#
# COMPACT_ATOMS: atom_id res chain seq x y z
N MET A 2 -15.64 -15.42 18.47
CA MET A 2 -14.90 -15.47 17.16
C MET A 2 -13.49 -16.03 17.41
N THR A 3 -12.42 -15.40 16.91
CA THR A 3 -11.02 -15.91 17.04
C THR A 3 -10.25 -15.02 18.02
N MET A 4 -9.40 -15.65 18.86
CA MET A 4 -8.50 -14.99 19.84
C MET A 4 -7.06 -15.47 19.62
N ILE A 5 -6.08 -14.57 19.78
CA ILE A 5 -4.63 -14.85 19.62
C ILE A 5 -3.90 -14.00 20.67
N ASN A 6 -3.66 -14.57 21.85
CA ASN A 6 -2.95 -13.91 22.99
C ASN A 6 -3.84 -12.78 23.51
N GLY A 7 -5.12 -13.06 23.73
CA GLY A 7 -6.10 -12.12 24.31
C GLY A 7 -6.73 -11.17 23.30
N TYR A 8 -6.29 -11.18 22.03
CA TYR A 8 -6.69 -10.20 20.99
C TYR A 8 -7.79 -10.77 20.09
N GLU A 9 -8.99 -10.18 20.11
CA GLU A 9 -10.17 -10.60 19.29
C GLU A 9 -9.89 -10.29 17.80
N GLN A 10 -10.01 -11.30 16.94
CA GLN A 10 -9.87 -11.16 15.48
C GLN A 10 -11.24 -11.41 14.88
N SER A 11 -11.58 -10.65 13.84
CA SER A 11 -12.79 -10.90 13.02
C SER A 11 -12.66 -12.25 12.29
N ASP A 12 -13.77 -12.99 12.20
CA ASP A 12 -13.95 -14.18 11.33
C ASP A 12 -14.90 -13.86 10.16
N ARG A 13 -15.32 -12.59 10.00
CA ARG A 13 -16.44 -12.27 9.08
C ARG A 13 -16.05 -12.63 7.65
N GLU A 14 -17.02 -13.10 6.87
CA GLU A 14 -16.89 -13.42 5.43
C GLU A 14 -18.21 -13.06 4.76
N GLU A 15 -18.35 -11.83 4.25
CA GLU A 15 -19.64 -11.34 3.69
C GLU A 15 -19.39 -10.08 2.88
N LYS A 16 -20.19 -9.86 1.83
CA LYS A 16 -20.24 -8.55 1.10
C LYS A 16 -20.74 -7.55 2.14
N ILE A 17 -20.22 -6.32 2.09
CA ILE A 17 -20.55 -5.25 3.07
C ILE A 17 -21.15 -4.10 2.26
N ASP A 18 -22.14 -3.44 2.85
CA ASP A 18 -22.76 -2.20 2.34
C ASP A 18 -21.84 -1.04 2.70
N ILE A 19 -21.32 -0.38 1.70
CA ILE A 19 -20.35 0.73 1.86
C ILE A 19 -21.02 2.01 1.38
N LEU A 20 -21.19 2.96 2.31
CA LEU A 20 -21.64 4.33 1.98
C LEU A 20 -20.50 5.04 1.27
N ASN A 21 -19.32 5.02 1.86
CA ASN A 21 -18.06 5.59 1.31
C ASN A 21 -16.88 4.97 2.07
N LEU A 22 -15.67 5.11 1.57
CA LEU A 22 -14.49 4.47 2.21
C LEU A 22 -14.20 5.16 3.57
N GLU A 23 -14.39 6.47 3.69
CA GLU A 23 -14.13 7.25 4.95
C GLU A 23 -14.98 6.63 6.06
N SER A 24 -16.21 6.24 5.80
CA SER A 24 -17.16 5.81 6.85
C SER A 24 -16.77 4.43 7.37
N LEU A 25 -15.89 3.70 6.67
CA LEU A 25 -15.47 2.33 7.11
C LEU A 25 -14.72 2.40 8.44
N GLU A 26 -14.00 3.49 8.70
CA GLU A 26 -13.15 3.67 9.92
C GLU A 26 -14.03 3.54 11.17
N LYS A 27 -15.12 4.30 11.24
CA LYS A 27 -16.08 4.28 12.38
C LYS A 27 -16.73 2.90 12.50
N GLN A 28 -17.02 2.25 11.38
CA GLN A 28 -17.63 0.90 11.38
C GLN A 28 -16.63 -0.13 11.92
N ALA A 29 -15.39 -0.13 11.41
CA ALA A 29 -14.36 -1.09 11.86
C ALA A 29 -14.06 -0.79 13.34
N GLU A 30 -14.17 0.45 13.78
CA GLU A 30 -13.83 0.82 15.17
C GLU A 30 -14.75 0.09 16.15
N GLU A 31 -15.95 -0.31 15.75
CA GLU A 31 -16.84 -1.09 16.66
C GLU A 31 -16.28 -2.49 16.88
N ILE A 32 -15.48 -3.04 15.97
CA ILE A 32 -15.18 -4.50 16.02
C ILE A 32 -13.70 -4.77 16.26
N ILE A 33 -12.78 -3.91 15.82
CA ILE A 33 -11.31 -4.10 16.01
C ILE A 33 -10.95 -3.63 17.42
N PRO A 34 -10.25 -4.42 18.26
CA PRO A 34 -9.85 -3.91 19.57
C PRO A 34 -9.13 -2.55 19.49
N ALA A 35 -9.34 -1.73 20.53
CA ALA A 35 -8.88 -0.33 20.68
C ALA A 35 -7.40 -0.21 20.29
N GLY A 36 -6.53 -1.06 20.85
CA GLY A 36 -5.08 -1.00 20.56
C GLY A 36 -4.79 -1.24 19.07
N GLY A 37 -5.37 -2.28 18.48
CA GLY A 37 -5.19 -2.57 17.03
C GLY A 37 -5.71 -1.43 16.17
N PHE A 38 -6.84 -0.85 16.57
CA PHE A 38 -7.57 0.19 15.80
C PHE A 38 -6.66 1.43 15.74
N GLY A 39 -6.15 1.83 16.89
CA GLY A 39 -5.28 3.01 17.01
C GLY A 39 -4.02 2.81 16.19
N TYR A 40 -3.48 1.59 16.22
CA TYR A 40 -2.30 1.19 15.41
C TYR A 40 -2.56 1.43 13.92
N ILE A 41 -3.76 1.05 13.43
CA ILE A 41 -4.15 1.16 12.00
C ILE A 41 -4.45 2.62 11.65
N ALA A 42 -5.30 3.31 12.45
CA ALA A 42 -5.92 4.61 12.15
C ALA A 42 -4.89 5.74 12.27
N GLY A 43 -3.96 5.63 13.22
CA GLY A 43 -3.15 6.78 13.69
C GLY A 43 -2.08 7.20 12.71
N GLY A 44 -1.64 8.46 12.83
CA GLY A 44 -0.43 8.97 12.14
C GLY A 44 0.61 9.43 13.14
N SER A 45 1.60 10.19 12.70
CA SER A 45 2.71 10.66 13.58
C SER A 45 2.50 12.11 14.06
N GLU A 46 3.12 12.43 15.21
CA GLU A 46 3.04 13.73 15.91
C GLU A 46 1.55 14.10 16.07
N ASP A 47 1.14 15.28 15.59
CA ASP A 47 -0.25 15.82 15.69
C ASP A 47 -1.08 15.44 14.43
N GLU A 48 -0.59 14.60 13.54
CA GLU A 48 -1.36 14.00 12.42
C GLU A 48 -1.72 15.09 11.41
N TRP A 49 -0.93 16.15 11.35
CA TRP A 49 -1.15 17.23 10.37
C TRP A 49 -1.01 16.65 8.95
N THR A 50 0.07 15.91 8.66
CA THR A 50 0.35 15.34 7.32
C THR A 50 -0.77 14.33 6.96
N LEU A 51 -1.17 13.49 7.91
CA LEU A 51 -2.29 12.54 7.71
C LEU A 51 -3.51 13.32 7.23
N LYS A 52 -3.90 14.39 7.93
CA LYS A 52 -5.11 15.22 7.62
C LYS A 52 -4.95 15.88 6.26
N GLN A 53 -3.75 16.38 5.94
CA GLN A 53 -3.49 17.05 4.65
C GLN A 53 -3.56 16.03 3.49
N ASN A 54 -3.35 14.75 3.76
CA ASN A 54 -3.35 13.69 2.70
C ASN A 54 -4.75 13.73 2.05
N ARG A 55 -5.80 13.91 2.88
CA ARG A 55 -7.22 14.05 2.45
C ARG A 55 -7.46 15.44 1.81
N MET A 56 -7.07 16.52 2.48
CA MET A 56 -7.42 17.92 2.10
C MET A 56 -6.77 18.24 0.76
N ALA A 57 -5.61 17.66 0.48
CA ALA A 57 -4.78 18.09 -0.67
C ALA A 57 -5.52 17.80 -1.97
N PHE A 58 -6.45 16.83 -1.99
CA PHE A 58 -7.20 16.46 -3.21
C PHE A 58 -8.01 17.67 -3.70
N HIS A 59 -8.42 18.55 -2.79
CA HIS A 59 -9.15 19.82 -3.09
C HIS A 59 -8.26 20.83 -3.80
N HIS A 60 -6.94 20.63 -3.90
CA HIS A 60 -6.04 21.64 -4.54
C HIS A 60 -6.16 21.57 -6.07
N ARG A 61 -6.78 20.52 -6.59
CA ARG A 61 -7.03 20.42 -8.06
CA ARG A 61 -7.01 20.38 -8.05
C ARG A 61 -8.48 19.98 -8.24
N GLN A 62 -9.04 20.31 -9.41
CA GLN A 62 -10.47 20.03 -9.69
C GLN A 62 -10.53 19.36 -11.07
N ILE A 63 -11.50 18.45 -11.19
CA ILE A 63 -11.83 17.75 -12.45
C ILE A 63 -12.85 18.63 -13.22
N ALA A 64 -12.58 18.94 -14.48
CA ALA A 64 -13.54 19.56 -15.42
C ALA A 64 -14.57 18.53 -15.88
N PRO A 65 -15.89 18.72 -15.61
CA PRO A 65 -16.95 17.96 -16.29
C PRO A 65 -16.80 18.23 -17.79
N LYS A 66 -16.97 17.22 -18.62
CA LYS A 66 -16.79 17.38 -20.09
C LYS A 66 -18.17 17.29 -20.75
N ALA A 67 -18.55 18.34 -21.46
CA ALA A 67 -19.81 18.44 -22.20
C ALA A 67 -19.59 17.83 -23.59
N LEU A 68 -20.58 17.06 -24.06
CA LEU A 68 -20.59 16.55 -25.45
C LEU A 68 -19.35 15.68 -25.65
N SER A 69 -19.10 14.74 -24.73
CA SER A 69 -17.87 13.90 -24.68
C SER A 69 -17.92 12.83 -25.75
N GLY A 70 -19.13 12.34 -26.10
CA GLY A 70 -19.26 11.26 -27.10
C GLY A 70 -18.64 9.97 -26.59
N ILE A 71 -18.72 9.68 -25.29
CA ILE A 71 -18.21 8.41 -24.72
C ILE A 71 -19.34 7.78 -23.92
N GLU A 72 -19.28 6.47 -23.77
CA GLU A 72 -20.06 5.75 -22.74
C GLU A 72 -19.23 4.58 -22.22
N LYS A 73 -19.67 3.98 -21.12
CA LYS A 73 -19.14 2.72 -20.55
C LYS A 73 -17.63 2.85 -20.41
N PRO A 74 -17.15 3.61 -19.40
CA PRO A 74 -15.71 3.75 -19.18
C PRO A 74 -15.14 2.39 -18.74
N GLU A 75 -13.89 2.15 -19.11
CA GLU A 75 -13.16 0.89 -18.87
C GLU A 75 -12.05 1.16 -17.86
N LEU A 76 -12.01 0.36 -16.78
CA LEU A 76 -11.02 0.48 -15.67
C LEU A 76 -9.74 -0.31 -15.95
N ASN A 77 -9.64 -1.00 -17.08
CA ASN A 77 -8.56 -1.96 -17.41
C ASN A 77 -7.25 -1.21 -17.51
N THR A 78 -6.17 -1.80 -17.02
CA THR A 78 -4.81 -1.26 -17.30
C THR A 78 -3.79 -2.40 -17.21
N GLU A 79 -2.51 -2.04 -17.25
CA GLU A 79 -1.35 -2.96 -17.30
CA GLU A 79 -1.34 -2.96 -17.32
C GLU A 79 -0.21 -2.36 -16.48
N ILE A 80 0.57 -3.19 -15.78
CA ILE A 80 1.90 -2.75 -15.27
C ILE A 80 2.90 -3.87 -15.53
N PHE A 81 4.04 -3.53 -16.14
CA PHE A 81 5.09 -4.49 -16.54
C PHE A 81 4.47 -5.66 -17.33
N GLY A 82 3.53 -5.38 -18.24
CA GLY A 82 2.82 -6.41 -19.05
C GLY A 82 1.76 -7.18 -18.29
N ILE A 83 1.51 -6.89 -17.01
CA ILE A 83 0.49 -7.63 -16.22
C ILE A 83 -0.85 -6.94 -16.37
N PRO A 84 -1.86 -7.64 -16.94
CA PRO A 84 -3.20 -7.07 -17.07
C PRO A 84 -3.89 -6.99 -15.71
N LEU A 85 -4.56 -5.87 -15.49
CA LEU A 85 -5.37 -5.62 -14.27
C LEU A 85 -6.77 -5.12 -14.69
N ASN A 86 -7.79 -5.44 -13.91
CA ASN A 86 -9.17 -4.96 -14.13
C ASN A 86 -9.36 -3.53 -13.60
N THR A 87 -8.49 -3.04 -12.73
CA THR A 87 -8.64 -1.74 -12.05
C THR A 87 -7.25 -1.15 -11.80
N PRO A 88 -7.12 0.20 -11.81
CA PRO A 88 -5.86 0.85 -11.47
C PRO A 88 -5.72 1.04 -9.95
N VAL A 89 -6.73 0.62 -9.20
CA VAL A 89 -6.72 0.67 -7.73
C VAL A 89 -6.12 -0.65 -7.20
N MET A 90 -5.06 -0.56 -6.38
CA MET A 90 -4.33 -1.75 -5.87
C MET A 90 -4.28 -1.70 -4.35
N MET A 91 -3.84 -2.78 -3.73
CA MET A 91 -3.67 -2.87 -2.26
C MET A 91 -2.26 -2.40 -1.91
N ALA A 92 -2.12 -1.35 -1.09
CA ALA A 92 -0.82 -0.92 -0.55
C ALA A 92 -0.30 -2.03 0.38
N PRO A 93 1.04 -2.22 0.50
CA PRO A 93 1.59 -3.17 1.46
C PRO A 93 1.28 -2.67 2.88
N ALA A 94 0.73 -3.52 3.72
CA ALA A 94 0.34 -3.16 5.07
C ALA A 94 0.51 -4.37 6.00
N ALA A 95 1.36 -4.21 7.01
CA ALA A 95 1.73 -5.20 8.03
C ALA A 95 0.54 -5.60 8.89
N ALA A 96 0.63 -6.77 9.52
CA ALA A 96 -0.23 -7.19 10.64
C ALA A 96 -1.72 -7.07 10.32
N GLN A 97 -2.14 -7.55 9.14
CA GLN A 97 -3.59 -7.63 8.77
C GLN A 97 -4.31 -8.59 9.71
N GLY A 98 -3.55 -9.42 10.42
CA GLY A 98 -4.03 -10.26 11.54
C GLY A 98 -4.65 -9.42 12.63
N LEU A 99 -4.38 -8.11 12.68
CA LEU A 99 -5.02 -7.21 13.67
C LEU A 99 -6.49 -7.03 13.29
N ALA A 100 -6.82 -7.18 11.99
CA ALA A 100 -8.19 -6.97 11.48
C ALA A 100 -8.96 -8.29 11.44
N HIS A 101 -8.32 -9.36 11.00
CA HIS A 101 -9.02 -10.62 10.62
C HIS A 101 -8.17 -11.86 10.89
N SER A 102 -8.80 -12.97 11.30
CA SER A 102 -8.10 -14.25 11.55
C SER A 102 -7.48 -14.82 10.26
N GLN A 103 -8.02 -14.52 9.08
CA GLN A 103 -7.39 -14.94 7.80
C GLN A 103 -6.28 -13.97 7.38
N GLY A 104 -6.30 -12.75 7.94
CA GLY A 104 -5.31 -11.71 7.60
C GLY A 104 -5.18 -11.56 6.10
N GLU A 105 -3.95 -11.56 5.62
CA GLU A 105 -3.55 -11.21 4.24
C GLU A 105 -4.09 -12.23 3.21
N LYS A 106 -4.48 -13.42 3.64
CA LYS A 106 -5.06 -14.45 2.72
C LYS A 106 -6.41 -13.95 2.21
N ASP A 107 -7.27 -13.46 3.11
CA ASP A 107 -8.56 -12.81 2.76
C ASP A 107 -8.29 -11.58 1.86
N THR A 108 -7.29 -10.76 2.18
CA THR A 108 -6.96 -9.62 1.30
C THR A 108 -6.62 -10.13 -0.10
N ALA A 109 -5.74 -11.13 -0.20
CA ALA A 109 -5.27 -11.66 -1.50
C ALA A 109 -6.49 -12.20 -2.28
N ARG A 110 -7.44 -12.87 -1.62
CA ARG A 110 -8.67 -13.39 -2.27
C ARG A 110 -9.52 -12.22 -2.81
N GLY A 111 -9.71 -11.19 -1.99
CA GLY A 111 -10.46 -9.99 -2.38
C GLY A 111 -9.86 -9.34 -3.61
N LEU A 112 -8.54 -9.19 -3.66
CA LEU A 112 -7.89 -8.53 -4.82
C LEU A 112 -8.01 -9.42 -6.07
N ALA A 113 -7.85 -10.73 -5.91
CA ALA A 113 -8.02 -11.69 -7.03
C ALA A 113 -9.46 -11.55 -7.58
N ALA A 114 -10.45 -11.40 -6.70
CA ALA A 114 -11.88 -11.29 -7.08
C ALA A 114 -12.12 -10.06 -7.95
N VAL A 115 -11.37 -8.97 -7.78
CA VAL A 115 -11.62 -7.73 -8.57
C VAL A 115 -10.58 -7.58 -9.66
N GLY A 116 -9.66 -8.51 -9.79
CA GLY A 116 -8.64 -8.46 -10.85
C GLY A 116 -7.65 -7.35 -10.57
N GLY A 117 -7.41 -7.06 -9.29
CA GLY A 117 -6.49 -6.00 -8.82
C GLY A 117 -5.14 -6.57 -8.39
N LEU A 118 -4.13 -5.70 -8.28
CA LEU A 118 -2.77 -6.03 -7.78
C LEU A 118 -2.70 -5.96 -6.24
N MET A 119 -2.22 -7.02 -5.58
CA MET A 119 -1.92 -6.98 -4.13
C MET A 119 -0.41 -6.84 -3.93
N ALA A 120 -0.05 -6.07 -2.92
CA ALA A 120 1.33 -5.95 -2.42
C ALA A 120 1.34 -6.63 -1.06
N GLN A 121 2.19 -7.64 -0.91
CA GLN A 121 2.45 -8.32 0.38
C GLN A 121 3.52 -7.52 1.14
N SER A 122 3.40 -7.48 2.47
CA SER A 122 4.33 -6.86 3.45
C SER A 122 5.33 -7.89 4.01
N THR A 123 6.59 -7.46 4.19
CA THR A 123 7.59 -8.19 5.01
C THR A 123 7.01 -8.57 6.37
N TYR A 124 6.27 -7.67 7.04
CA TYR A 124 5.81 -7.90 8.43
C TYR A 124 4.37 -8.44 8.43
N SER A 125 4.05 -9.32 7.50
CA SER A 125 2.72 -9.99 7.43
C SER A 125 2.49 -10.93 8.62
N SER A 126 1.24 -11.09 9.05
CA SER A 126 0.78 -12.18 9.97
C SER A 126 0.87 -13.56 9.29
N VAL A 127 0.89 -13.58 7.96
CA VAL A 127 0.84 -14.78 7.08
C VAL A 127 2.07 -14.80 6.17
N SER A 128 2.66 -15.97 5.96
CA SER A 128 3.90 -16.13 5.15
C SER A 128 3.66 -15.71 3.69
N ILE A 129 4.73 -15.31 3.02
CA ILE A 129 4.71 -15.06 1.55
C ILE A 129 4.01 -16.21 0.81
N ALA A 130 4.31 -17.46 1.20
CA ALA A 130 3.87 -18.66 0.44
C ALA A 130 2.37 -18.79 0.54
N GLU A 131 1.83 -18.65 1.75
CA GLU A 131 0.39 -18.85 2.02
C GLU A 131 -0.41 -17.71 1.40
N THR A 132 0.14 -16.50 1.36
CA THR A 132 -0.56 -15.31 0.82
C THR A 132 -0.68 -15.51 -0.70
N ALA A 133 0.40 -15.93 -1.37
CA ALA A 133 0.43 -16.22 -2.82
C ALA A 133 -0.48 -17.42 -3.14
N ALA A 134 -0.53 -18.44 -2.28
CA ALA A 134 -1.39 -19.62 -2.48
C ALA A 134 -2.85 -19.14 -2.47
N ALA A 135 -3.21 -18.29 -1.50
CA ALA A 135 -4.58 -17.74 -1.34
C ALA A 135 -4.99 -16.95 -2.59
N GLY A 136 -4.09 -16.22 -3.22
CA GLY A 136 -4.46 -15.35 -4.36
C GLY A 136 -4.58 -16.14 -5.67
N GLY A 137 -4.12 -17.38 -5.69
CA GLY A 137 -4.19 -18.20 -6.91
C GLY A 137 -3.28 -17.57 -7.92
N ASP A 138 -3.67 -17.48 -9.18
CA ASP A 138 -2.75 -16.90 -10.21
C ASP A 138 -2.85 -15.36 -10.22
N ALA A 139 -3.52 -14.73 -9.27
CA ALA A 139 -3.62 -13.24 -9.25
C ALA A 139 -2.22 -12.67 -9.03
N PRO A 140 -1.82 -11.62 -9.77
CA PRO A 140 -0.48 -11.04 -9.61
C PRO A 140 -0.25 -10.41 -8.23
N GLN A 141 0.96 -10.61 -7.69
CA GLN A 141 1.36 -10.02 -6.38
C GLN A 141 2.75 -9.41 -6.50
N PHE A 142 2.94 -8.33 -5.78
CA PHE A 142 4.24 -7.71 -5.50
C PHE A 142 4.59 -8.05 -4.06
N PHE A 143 5.89 -8.08 -3.78
CA PHE A 143 6.40 -8.25 -2.41
C PHE A 143 7.14 -6.97 -2.02
N GLN A 144 6.76 -6.44 -0.87
CA GLN A 144 7.40 -5.27 -0.22
C GLN A 144 8.45 -5.75 0.77
N LEU A 145 9.71 -5.38 0.51
CA LEU A 145 10.88 -5.72 1.34
C LEU A 145 11.19 -4.55 2.28
N TYR A 146 11.25 -4.84 3.58
CA TYR A 146 12.04 -4.09 4.58
C TYR A 146 13.43 -4.71 4.62
N MET A 147 14.41 -4.03 4.03
CA MET A 147 15.84 -4.43 3.99
C MET A 147 16.37 -4.59 5.42
N SER A 148 17.03 -5.71 5.70
CA SER A 148 17.84 -5.99 6.91
C SER A 148 19.28 -5.55 6.62
N LYS A 149 20.08 -5.30 7.67
CA LYS A 149 21.58 -5.23 7.59
C LYS A 149 22.12 -6.62 7.21
N ASP A 150 21.39 -7.67 7.57
CA ASP A 150 21.72 -9.09 7.30
C ASP A 150 21.25 -9.49 5.89
N TRP A 151 22.14 -9.50 4.90
CA TRP A 151 21.82 -9.88 3.50
C TRP A 151 21.44 -11.36 3.36
N ASN A 152 21.81 -12.20 4.33
CA ASN A 152 21.31 -13.60 4.39
C ASN A 152 19.78 -13.53 4.53
N PHE A 153 19.26 -12.69 5.41
CA PHE A 153 17.78 -12.54 5.58
C PHE A 153 17.20 -11.93 4.29
N ASN A 154 17.77 -10.84 3.77
CA ASN A 154 17.25 -10.23 2.51
C ASN A 154 17.10 -11.31 1.43
N GLU A 155 18.16 -12.09 1.19
CA GLU A 155 18.20 -13.10 0.11
C GLU A 155 17.19 -14.23 0.40
N SER A 156 17.01 -14.65 1.65
CA SER A 156 16.03 -15.69 2.03
C SER A 156 14.64 -15.20 1.67
N LEU A 157 14.28 -13.98 2.09
CA LEU A 157 12.94 -13.42 1.74
C LEU A 157 12.81 -13.26 0.24
N LEU A 158 13.80 -12.71 -0.44
CA LEU A 158 13.66 -12.52 -1.91
C LEU A 158 13.50 -13.89 -2.60
N ASP A 159 14.15 -14.94 -2.11
CA ASP A 159 13.99 -16.31 -2.66
C ASP A 159 12.55 -16.79 -2.46
N GLU A 160 11.99 -16.57 -1.28
CA GLU A 160 10.59 -16.94 -0.94
C GLU A 160 9.64 -16.20 -1.89
N ALA A 161 9.91 -14.92 -2.18
CA ALA A 161 9.10 -14.10 -3.11
C ALA A 161 9.18 -14.67 -4.53
N LYS A 162 10.38 -14.96 -5.04
CA LYS A 162 10.61 -15.54 -6.39
C LYS A 162 9.87 -16.89 -6.54
N LYS A 163 9.95 -17.71 -5.52
CA LYS A 163 9.29 -19.03 -5.42
C LYS A 163 7.78 -18.80 -5.54
N ALA A 164 7.20 -17.78 -4.88
CA ALA A 164 5.76 -17.45 -4.89
C ALA A 164 5.35 -16.74 -6.18
N ASN A 165 6.24 -16.57 -7.15
CA ASN A 165 5.93 -15.98 -8.49
CA ASN A 165 5.97 -15.96 -8.49
C ASN A 165 5.53 -14.50 -8.35
N VAL A 166 6.05 -13.79 -7.34
CA VAL A 166 5.83 -12.32 -7.23
C VAL A 166 6.40 -11.66 -8.48
N LYS A 167 5.83 -10.54 -8.88
CA LYS A 167 6.13 -9.94 -10.21
C LYS A 167 7.00 -8.70 -10.05
N ALA A 168 7.10 -8.16 -8.84
CA ALA A 168 8.02 -7.03 -8.56
C ALA A 168 8.30 -6.99 -7.07
N ILE A 169 9.40 -6.32 -6.72
CA ILE A 169 9.81 -6.07 -5.32
C ILE A 169 9.58 -4.59 -5.05
N ILE A 170 8.88 -4.29 -3.97
CA ILE A 170 8.74 -2.92 -3.43
C ILE A 170 9.75 -2.76 -2.30
N LEU A 171 10.74 -1.89 -2.49
CA LEU A 171 11.70 -1.57 -1.41
C LEU A 171 11.17 -0.34 -0.67
N THR A 172 10.73 -0.49 0.58
CA THR A 172 10.18 0.64 1.35
C THR A 172 11.35 1.35 2.05
N VAL A 173 11.60 2.63 1.70
CA VAL A 173 12.78 3.37 2.20
C VAL A 173 12.38 4.52 3.15
N ASP A 174 11.11 4.66 3.53
CA ASP A 174 10.67 5.85 4.32
C ASP A 174 10.34 5.48 5.77
N ALA A 175 10.79 4.33 6.24
CA ALA A 175 10.49 3.86 7.60
C ALA A 175 11.75 3.30 8.25
N THR A 176 12.90 4.00 8.07
CA THR A 176 14.19 3.57 8.65
C THR A 176 14.10 3.65 10.16
N VAL A 177 13.26 4.54 10.70
CA VAL A 177 12.83 4.55 12.14
C VAL A 177 11.34 4.79 12.12
N ASP A 178 10.64 4.36 13.16
CA ASP A 178 9.19 4.62 13.37
C ASP A 178 8.95 6.11 13.51
N GLY A 179 7.90 6.62 12.87
CA GLY A 179 7.35 7.93 13.22
C GLY A 179 6.95 7.89 14.68
N TYR A 180 6.79 9.05 15.28
CA TYR A 180 6.32 9.20 16.68
C TYR A 180 4.79 9.06 16.64
N ARG A 181 4.24 7.91 17.01
CA ARG A 181 2.80 7.61 16.85
C ARG A 181 2.12 7.64 18.21
N GLU A 182 1.34 8.67 18.48
CA GLU A 182 0.82 8.90 19.84
C GLU A 182 -0.24 7.84 20.21
N ALA A 183 -0.98 7.32 19.23
CA ALA A 183 -2.07 6.35 19.53
C ALA A 183 -1.46 5.11 20.21
N ASP A 184 -0.32 4.65 19.71
CA ASP A 184 0.39 3.45 20.22
C ASP A 184 0.93 3.70 21.63
N ILE A 185 1.47 4.91 21.87
CA ILE A 185 1.93 5.36 23.21
C ILE A 185 0.74 5.38 24.16
N LYS A 186 -0.34 6.09 23.84
CA LYS A 186 -1.57 6.17 24.68
C LYS A 186 -2.13 4.76 24.96
N ASN A 187 -2.12 3.87 23.97
CA ASN A 187 -2.72 2.51 24.09
C ASN A 187 -1.74 1.52 24.76
N LYS A 188 -0.44 1.84 24.80
CA LYS A 188 0.62 0.94 25.33
C LYS A 188 0.67 -0.29 24.42
N PHE A 189 0.59 -0.08 23.12
CA PHE A 189 0.30 -1.14 22.12
C PHE A 189 1.58 -1.95 21.81
N THR A 190 1.46 -3.29 21.91
CA THR A 190 2.43 -4.27 21.36
C THR A 190 1.71 -5.31 20.50
N PHE A 191 2.35 -5.80 19.43
CA PHE A 191 1.74 -6.79 18.52
C PHE A 191 1.42 -8.03 19.32
N PRO A 192 0.14 -8.47 19.31
CA PRO A 192 -0.27 -9.71 19.99
C PRO A 192 -0.04 -10.97 19.15
N LEU A 193 0.55 -10.85 17.94
CA LEU A 193 0.66 -11.96 16.98
C LEU A 193 2.02 -11.96 16.27
N PRO A 194 2.41 -13.10 15.68
CA PRO A 194 3.77 -13.25 15.17
C PRO A 194 3.87 -12.64 13.78
N MET A 195 5.09 -12.42 13.33
CA MET A 195 5.36 -12.03 11.94
C MET A 195 5.98 -13.21 11.20
N ALA A 196 5.14 -13.84 10.39
CA ALA A 196 5.34 -15.17 9.78
C ALA A 196 6.65 -15.19 9.00
N ASN A 197 6.98 -14.14 8.27
CA ASN A 197 8.21 -14.19 7.44
C ASN A 197 9.47 -14.15 8.33
N LEU A 198 9.40 -13.56 9.53
CA LEU A 198 10.61 -13.49 10.40
C LEU A 198 10.75 -14.85 11.12
N ILE A 199 9.66 -15.42 11.65
CA ILE A 199 9.62 -16.81 12.19
C ILE A 199 10.30 -17.74 11.18
N LYS A 200 9.79 -17.78 9.95
CA LYS A 200 10.21 -18.78 8.92
C LYS A 200 11.71 -18.65 8.68
N PHE A 201 12.22 -17.44 8.44
CA PHE A 201 13.67 -17.23 8.26
C PHE A 201 14.41 -17.84 9.47
N SER A 202 13.87 -17.65 10.68
CA SER A 202 14.52 -18.03 11.96
C SER A 202 14.65 -19.56 12.04
N GLU A 203 13.65 -20.29 11.55
CA GLU A 203 13.57 -21.78 11.60
C GLU A 203 14.42 -22.36 10.46
N GLY A 204 14.62 -21.60 9.39
CA GLY A 204 15.37 -22.03 8.19
C GLY A 204 16.74 -21.38 8.17
N ASN A 205 17.06 -20.66 7.08
CA ASN A 205 18.33 -19.92 6.90
C ASN A 205 18.50 -18.91 8.03
N GLY A 206 8.27 -10.41 16.28
CA GLY A 206 7.82 -9.08 16.77
C GLY A 206 6.60 -9.19 17.67
N GLN A 207 6.18 -10.40 18.03
CA GLN A 207 5.12 -10.60 19.08
C GLN A 207 5.61 -9.99 20.40
N GLY A 208 4.73 -9.25 21.09
CA GLY A 208 5.02 -8.59 22.38
C GLY A 208 6.00 -7.45 22.18
N LYS A 209 17.91 -18.03 15.02
N LYS A 209 6.02 -6.90 20.95
CA LYS A 209 18.25 -16.67 15.51
CA LYS A 209 6.90 -5.81 20.41
C LYS A 209 16.96 -16.02 16.03
C LYS A 209 6.02 -4.65 19.96
N GLY A 210 16.98 -15.47 17.24
N GLY A 210 6.48 -3.41 20.18
CA GLY A 210 15.78 -14.86 17.87
CA GLY A 210 6.00 -2.21 19.48
C GLY A 210 15.02 -13.99 16.88
C GLY A 210 6.60 -2.16 18.10
N ILE A 211 13.69 -14.04 16.94
N ILE A 211 6.00 -1.41 17.16
CA ILE A 211 12.79 -13.09 16.19
CA ILE A 211 6.49 -1.32 15.75
C ILE A 211 13.22 -11.66 16.55
C ILE A 211 7.89 -0.70 15.76
N GLU A 212 13.70 -11.45 17.78
N GLU A 212 8.18 0.23 16.68
CA GLU A 212 14.10 -10.12 18.34
CA GLU A 212 9.49 0.93 16.62
C GLU A 212 15.26 -9.52 17.54
C GLU A 212 10.63 -0.05 16.89
N GLU A 213 16.44 -10.17 17.56
N GLU A 213 10.45 -1.03 17.77
CA GLU A 213 17.66 -9.67 16.86
CA GLU A 213 11.51 -2.02 18.06
C GLU A 213 17.38 -9.64 15.35
C GLU A 213 11.81 -2.81 16.78
N ILE A 214 16.58 -10.57 14.86
N ILE A 214 10.76 -3.08 16.00
CA ILE A 214 16.12 -10.62 13.44
CA ILE A 214 10.80 -3.92 14.76
C ILE A 214 15.43 -9.30 13.12
C ILE A 214 11.48 -3.15 13.63
N TYR A 215 14.40 -8.96 13.91
N TYR A 215 11.17 -1.87 13.44
CA TYR A 215 13.62 -7.71 13.77
CA TYR A 215 11.86 -0.99 12.45
C TYR A 215 14.56 -6.50 13.81
C TYR A 215 13.33 -0.87 12.81
N ALA A 216 15.53 -6.49 14.73
N ALA A 216 13.66 -0.88 14.11
CA ALA A 216 16.43 -5.35 15.04
CA ALA A 216 15.03 -0.65 14.64
C ALA A 216 17.63 -5.30 14.09
C ALA A 216 15.95 -1.80 14.19
N SER A 217 17.71 -6.20 13.10
N SER A 217 15.41 -3.02 14.04
CA SER A 217 18.75 -6.17 12.04
CA SER A 217 16.15 -4.25 13.67
C SER A 217 18.30 -5.27 10.89
C SER A 217 16.53 -4.23 12.18
N ALA A 218 17.07 -4.76 11.00
N ALA A 218 15.65 -3.72 11.32
CA ALA A 218 16.39 -3.88 10.03
CA ALA A 218 15.90 -3.60 9.86
C ALA A 218 17.28 -2.66 9.77
C ALA A 218 17.01 -2.57 9.62
N ALA A 219 17.56 -2.38 8.48
N ALA A 219 17.41 -2.40 8.36
CA ALA A 219 18.63 -1.45 8.06
CA ALA A 219 18.44 -1.41 7.95
C ALA A 219 18.11 -0.01 8.09
C ALA A 219 17.94 0.00 8.31
N GLN A 220 18.82 0.87 8.80
CA GLN A 220 18.55 2.34 8.87
C GLN A 220 19.26 3.00 7.70
N ASN A 221 20.43 2.48 7.35
CA ASN A 221 21.31 3.02 6.30
C ASN A 221 20.94 2.34 4.97
N ILE A 222 20.23 3.03 4.10
CA ILE A 222 19.79 2.46 2.80
C ILE A 222 20.40 3.32 1.72
N ARG A 223 21.14 2.72 0.79
CA ARG A 223 21.88 3.46 -0.25
C ARG A 223 21.33 3.09 -1.61
N PRO A 224 21.60 3.91 -2.64
CA PRO A 224 21.28 3.55 -4.01
C PRO A 224 21.83 2.17 -4.41
N GLU A 225 23.05 1.81 -4.01
CA GLU A 225 23.66 0.51 -4.38
C GLU A 225 22.76 -0.64 -3.89
N ASP A 226 21.93 -0.45 -2.85
CA ASP A 226 21.02 -1.50 -2.31
C ASP A 226 19.90 -1.84 -3.32
N VAL A 227 19.44 -0.84 -4.07
CA VAL A 227 18.43 -1.02 -5.14
C VAL A 227 19.05 -1.91 -6.22
N LYS A 228 20.23 -1.58 -6.74
CA LYS A 228 20.85 -2.38 -7.84
C LYS A 228 21.11 -3.80 -7.35
N ARG A 229 21.56 -3.95 -6.10
CA ARG A 229 21.85 -5.27 -5.53
C ARG A 229 20.57 -6.12 -5.54
N ILE A 230 19.43 -5.58 -5.08
CA ILE A 230 18.16 -6.36 -5.01
C ILE A 230 17.73 -6.72 -6.44
N ALA A 231 17.86 -5.79 -7.38
CA ALA A 231 17.48 -5.97 -8.81
C ALA A 231 18.29 -7.13 -9.42
N ASP A 232 19.63 -7.08 -9.29
CA ASP A 232 20.60 -8.10 -9.80
C ASP A 232 20.28 -9.44 -9.14
N TYR A 233 20.00 -9.46 -7.86
CA TYR A 233 19.73 -10.74 -7.18
C TYR A 233 18.43 -11.37 -7.73
N THR A 234 17.33 -10.63 -7.84
CA THR A 234 15.97 -11.20 -8.08
C THR A 234 15.67 -11.29 -9.57
N ASN A 235 16.32 -10.43 -10.36
CA ASN A 235 15.96 -10.25 -11.79
CA ASN A 235 15.97 -10.16 -11.78
C ASN A 235 14.47 -9.87 -11.89
N LEU A 236 13.90 -9.23 -10.86
CA LEU A 236 12.53 -8.64 -10.90
C LEU A 236 12.64 -7.12 -10.97
N PRO A 237 11.62 -6.38 -11.46
CA PRO A 237 11.61 -4.92 -11.31
C PRO A 237 11.61 -4.53 -9.82
N VAL A 238 12.44 -3.56 -9.45
CA VAL A 238 12.43 -3.01 -8.06
C VAL A 238 11.81 -1.59 -8.09
N ILE A 239 10.79 -1.43 -7.26
CA ILE A 239 10.04 -0.16 -7.05
C ILE A 239 10.45 0.42 -5.70
N VAL A 240 10.88 1.68 -5.70
CA VAL A 240 11.29 2.34 -4.43
C VAL A 240 10.05 3.07 -3.89
N LYS A 241 9.65 2.77 -2.66
CA LYS A 241 8.42 3.31 -2.03
C LYS A 241 8.78 4.30 -0.94
N GLY A 242 8.09 5.45 -0.93
CA GLY A 242 8.33 6.51 0.06
C GLY A 242 8.88 7.78 -0.59
N ILE A 243 8.93 7.84 -1.91
CA ILE A 243 9.50 9.00 -2.63
C ILE A 243 8.57 10.22 -2.54
N GLN A 244 9.11 11.39 -2.20
CA GLN A 244 8.28 12.62 -2.04
C GLN A 244 8.95 13.81 -2.72
N THR A 245 10.04 13.63 -3.45
CA THR A 245 10.65 14.73 -4.22
C THR A 245 11.06 14.23 -5.59
N PRO A 246 11.06 15.10 -6.62
CA PRO A 246 11.55 14.74 -7.95
C PRO A 246 13.01 14.31 -7.98
N GLU A 247 13.87 14.95 -7.19
CA GLU A 247 15.31 14.57 -7.10
C GLU A 247 15.43 13.12 -6.63
N ASP A 248 14.66 12.72 -5.62
CA ASP A 248 14.74 11.32 -5.11
C ASP A 248 14.19 10.34 -6.15
N ALA A 249 13.20 10.73 -6.97
CA ALA A 249 12.67 9.87 -8.04
C ALA A 249 13.79 9.59 -9.04
N ILE A 250 14.52 10.62 -9.44
CA ILE A 250 15.64 10.52 -10.42
C ILE A 250 16.78 9.70 -9.81
N ARG A 251 17.11 9.90 -8.53
CA ARG A 251 18.23 9.18 -7.86
C ARG A 251 17.84 7.69 -7.82
N ALA A 252 16.60 7.37 -7.49
CA ALA A 252 16.08 5.98 -7.49
C ALA A 252 16.19 5.37 -8.90
N ILE A 253 15.81 6.07 -9.95
CA ILE A 253 15.87 5.51 -11.33
C ILE A 253 17.35 5.30 -11.64
N ASP A 254 18.24 6.25 -11.31
CA ASP A 254 19.69 6.10 -11.64
C ASP A 254 20.27 4.92 -10.85
N ALA A 255 19.77 4.61 -9.67
CA ALA A 255 20.19 3.44 -8.86
C ALA A 255 19.63 2.13 -9.41
N GLY A 256 18.75 2.16 -10.43
CA GLY A 256 18.24 0.96 -11.11
C GLY A 256 16.78 0.63 -10.81
N ALA A 257 16.01 1.52 -10.16
CA ALA A 257 14.56 1.28 -9.91
C ALA A 257 13.80 1.22 -11.24
N ALA A 258 12.87 0.28 -11.33
CA ALA A 258 12.01 0.05 -12.51
C ALA A 258 10.65 0.71 -12.23
N GLY A 259 10.51 1.34 -11.06
CA GLY A 259 9.28 1.99 -10.62
C GLY A 259 9.47 2.88 -9.41
N ILE A 260 8.60 3.87 -9.29
CA ILE A 260 8.57 4.90 -8.23
C ILE A 260 7.21 4.79 -7.57
N TYR A 261 7.22 4.67 -6.27
CA TYR A 261 5.99 4.61 -5.45
C TYR A 261 6.04 5.85 -4.56
N VAL A 262 5.25 6.86 -4.98
CA VAL A 262 5.00 8.13 -4.29
C VAL A 262 4.05 7.87 -3.14
N SER A 263 4.51 8.13 -1.93
CA SER A 263 3.85 7.73 -0.69
C SER A 263 4.51 8.50 0.44
N ASN A 264 3.73 8.83 1.45
CA ASN A 264 4.28 9.24 2.75
C ASN A 264 3.79 8.28 3.82
N HIS A 265 3.56 7.03 3.45
CA HIS A 265 3.27 5.97 4.43
C HIS A 265 2.00 6.35 5.18
N GLY A 266 1.05 6.98 4.48
CA GLY A 266 -0.25 7.33 5.06
C GLY A 266 -0.11 8.28 6.23
N GLY A 267 0.92 9.15 6.21
CA GLY A 267 1.13 10.15 7.27
C GLY A 267 1.53 9.51 8.59
N ARG A 268 2.19 8.36 8.55
CA ARG A 268 2.62 7.62 9.77
C ARG A 268 4.08 7.91 10.09
N GLN A 269 4.80 8.60 9.23
CA GLN A 269 6.26 8.72 9.30
C GLN A 269 6.65 10.19 9.54
N LEU A 270 7.13 10.91 8.54
CA LEU A 270 7.64 12.31 8.73
C LEU A 270 6.46 13.28 8.77
N ASN A 271 5.86 13.46 9.94
CA ASN A 271 4.84 14.49 10.17
C ASN A 271 5.49 15.87 10.01
N GLY A 272 4.82 16.75 9.27
CA GLY A 272 5.41 18.03 8.83
C GLY A 272 5.93 17.94 7.43
N GLY A 273 5.86 16.76 6.81
CA GLY A 273 6.10 16.61 5.36
C GLY A 273 4.84 16.99 4.61
N PRO A 274 4.93 17.21 3.28
CA PRO A 274 3.76 17.60 2.50
C PRO A 274 2.78 16.43 2.38
N ALA A 275 1.54 16.76 2.07
CA ALA A 275 0.55 15.76 1.62
C ALA A 275 1.11 15.10 0.36
N SER A 276 0.95 13.80 0.23
CA SER A 276 1.50 13.01 -0.90
C SER A 276 1.00 13.56 -2.24
N PHE A 277 -0.29 13.91 -2.33
CA PHE A 277 -0.91 14.44 -3.58
C PHE A 277 -0.16 15.69 -4.05
N ASP A 278 0.38 16.48 -3.11
CA ASP A 278 0.95 17.82 -3.45
C ASP A 278 2.34 17.64 -4.08
N VAL A 279 2.93 16.47 -4.04
CA VAL A 279 4.27 16.30 -4.68
C VAL A 279 4.18 15.44 -5.94
N LEU A 280 3.03 14.80 -6.22
CA LEU A 280 2.88 13.78 -7.27
C LEU A 280 3.20 14.39 -8.63
N GLU A 281 2.57 15.50 -8.98
CA GLU A 281 2.71 16.02 -10.36
C GLU A 281 4.18 16.39 -10.64
N ASP A 282 4.86 17.05 -9.70
CA ASP A 282 6.29 17.45 -9.93
C ASP A 282 7.16 16.19 -10.09
N ILE A 283 6.90 15.15 -9.29
CA ILE A 283 7.62 13.88 -9.41
C ILE A 283 7.35 13.31 -10.80
N ALA A 284 6.09 13.20 -11.20
CA ALA A 284 5.71 12.64 -12.53
C ALA A 284 6.35 13.46 -13.65
N THR A 285 6.38 14.77 -13.57
CA THR A 285 7.05 15.61 -14.61
C THR A 285 8.53 15.22 -14.77
N ALA A 286 9.26 15.04 -13.66
CA ALA A 286 10.69 14.64 -13.71
C ALA A 286 10.82 13.22 -14.26
N VAL A 287 9.94 12.31 -13.84
CA VAL A 287 10.01 10.89 -14.27
C VAL A 287 9.72 10.82 -15.77
N ASN A 288 8.82 11.65 -16.31
CA ASN A 288 8.55 11.76 -17.77
C ASN A 288 8.20 10.39 -18.36
N LYS A 289 7.38 9.62 -17.67
CA LYS A 289 6.94 8.24 -18.07
C LYS A 289 8.10 7.24 -18.26
N GLN A 290 9.32 7.46 -17.76
CA GLN A 290 10.42 6.48 -18.03
C GLN A 290 10.20 5.20 -17.19
N VAL A 291 9.48 5.27 -16.08
CA VAL A 291 9.08 4.07 -15.29
C VAL A 291 7.68 4.33 -14.75
N PRO A 292 6.89 3.27 -14.46
CA PRO A 292 5.59 3.45 -13.85
CA PRO A 292 5.61 3.39 -13.81
C PRO A 292 5.66 4.08 -12.44
N ILE A 293 4.56 4.74 -12.05
CA ILE A 293 4.44 5.46 -10.77
C ILE A 293 3.22 4.89 -10.07
N ILE A 294 3.41 4.48 -8.84
CA ILE A 294 2.30 4.07 -7.95
C ILE A 294 2.16 5.20 -6.95
N PHE A 295 0.93 5.58 -6.62
CA PHE A 295 0.67 6.70 -5.70
C PHE A 295 -0.19 6.19 -4.58
N ASP A 296 0.12 6.58 -3.36
CA ASP A 296 -0.85 6.37 -2.28
C ASP A 296 -0.75 7.53 -1.29
N SER A 297 -1.68 7.50 -0.35
CA SER A 297 -1.72 8.20 0.96
C SER A 297 -2.89 9.19 0.91
N GLY A 298 -4.01 8.76 1.47
CA GLY A 298 -5.25 9.52 1.64
C GLY A 298 -6.33 9.26 0.58
N VAL A 299 -6.15 8.32 -0.34
CA VAL A 299 -7.15 8.06 -1.43
C VAL A 299 -8.41 7.43 -0.82
N ARG A 300 -9.57 8.08 -0.96
CA ARG A 300 -10.86 7.60 -0.41
C ARG A 300 -12.00 7.61 -1.43
N ARG A 301 -12.00 8.54 -2.40
CA ARG A 301 -13.15 8.80 -3.28
C ARG A 301 -12.73 8.54 -4.72
N GLY A 302 -13.70 8.22 -5.57
CA GLY A 302 -13.48 8.13 -7.03
C GLY A 302 -12.76 9.34 -7.59
N SER A 303 -13.17 10.54 -7.20
CA SER A 303 -12.54 11.81 -7.66
C SER A 303 -11.06 11.84 -7.29
N ASP A 304 -10.68 11.27 -6.12
CA ASP A 304 -9.27 11.21 -5.62
C ASP A 304 -8.48 10.35 -6.60
N VAL A 305 -9.02 9.18 -6.94
CA VAL A 305 -8.31 8.20 -7.80
C VAL A 305 -8.11 8.89 -9.15
N PHE A 306 -9.15 9.49 -9.68
CA PHE A 306 -9.06 10.15 -11.01
C PHE A 306 -7.95 11.22 -10.99
N LYS A 307 -7.91 12.04 -9.93
CA LYS A 307 -6.95 13.19 -9.83
C LYS A 307 -5.51 12.68 -9.78
N ALA A 308 -5.29 11.58 -9.05
CA ALA A 308 -3.96 10.93 -8.91
C ALA A 308 -3.49 10.45 -10.28
N LEU A 309 -4.31 9.71 -11.01
CA LEU A 309 -4.01 9.22 -12.39
C LEU A 309 -3.77 10.43 -13.30
N ALA A 310 -4.63 11.43 -13.23
CA ALA A 310 -4.48 12.63 -14.11
C ALA A 310 -3.21 13.43 -13.72
N SER A 311 -2.67 13.25 -12.52
CA SER A 311 -1.48 14.01 -12.03
C SER A 311 -0.18 13.23 -12.24
N GLY A 312 -0.23 12.04 -12.83
CA GLY A 312 0.97 11.28 -13.20
C GLY A 312 1.03 9.87 -12.60
N ALA A 313 0.08 9.45 -11.75
CA ALA A 313 0.06 8.05 -11.26
C ALA A 313 -0.33 7.09 -12.39
N ASP A 314 0.26 5.89 -12.42
CA ASP A 314 -0.20 4.77 -13.26
C ASP A 314 -1.11 3.84 -12.43
N LEU A 315 -0.81 3.66 -11.15
CA LEU A 315 -1.67 2.87 -10.25
C LEU A 315 -1.86 3.67 -8.98
N VAL A 316 -2.97 3.46 -8.30
CA VAL A 316 -3.31 4.16 -7.05
C VAL A 316 -3.53 3.10 -5.98
N ALA A 317 -2.88 3.20 -4.81
CA ALA A 317 -2.98 2.16 -3.75
C ALA A 317 -3.78 2.73 -2.59
N LEU A 318 -4.45 1.83 -1.89
CA LEU A 318 -5.24 2.08 -0.66
C LEU A 318 -4.54 1.30 0.45
N GLY A 319 -4.53 1.84 1.66
CA GLY A 319 -4.17 1.07 2.86
C GLY A 319 -5.36 0.89 3.76
N ARG A 320 -5.63 1.87 4.59
CA ARG A 320 -6.52 1.71 5.76
C ARG A 320 -7.92 1.24 5.36
N PRO A 321 -8.55 1.75 4.28
CA PRO A 321 -9.93 1.36 3.96
C PRO A 321 -10.09 -0.14 3.69
N VAL A 322 -9.03 -0.76 3.14
CA VAL A 322 -9.02 -2.22 2.86
C VAL A 322 -8.93 -2.97 4.18
N ILE A 323 -8.08 -2.52 5.09
CA ILE A 323 -7.93 -3.16 6.44
C ILE A 323 -9.29 -3.12 7.13
N TYR A 324 -10.01 -2.01 7.01
CA TYR A 324 -11.33 -1.85 7.69
C TYR A 324 -12.33 -2.80 7.02
N GLY A 325 -12.32 -2.83 5.68
CA GLY A 325 -13.14 -3.75 4.86
C GLY A 325 -12.88 -5.21 5.22
N LEU A 326 -11.60 -5.57 5.36
CA LEU A 326 -11.15 -6.91 5.84
C LEU A 326 -11.75 -7.21 7.21
N ALA A 327 -11.68 -6.27 8.17
CA ALA A 327 -12.27 -6.53 9.49
C ALA A 327 -13.78 -6.80 9.33
N LEU A 328 -14.46 -6.00 8.50
CA LEU A 328 -15.95 -5.98 8.44
C LEU A 328 -16.50 -7.19 7.66
N GLY A 329 -15.79 -7.73 6.66
CA GLY A 329 -16.33 -8.84 5.84
C GLY A 329 -15.31 -9.79 5.24
N GLY A 330 -14.08 -9.85 5.76
CA GLY A 330 -13.05 -10.77 5.23
C GLY A 330 -12.83 -10.62 3.74
N ALA A 331 -12.75 -11.71 2.98
CA ALA A 331 -12.40 -11.67 1.53
C ALA A 331 -13.42 -10.86 0.74
N LYS A 332 -14.70 -11.08 1.02
CA LYS A 332 -15.80 -10.34 0.36
C LYS A 332 -15.82 -8.88 0.82
N GLY A 333 -15.47 -8.62 2.08
CA GLY A 333 -15.33 -7.25 2.60
C GLY A 333 -14.32 -6.46 1.77
N VAL A 334 -13.15 -7.05 1.52
CA VAL A 334 -12.04 -6.42 0.75
C VAL A 334 -12.54 -6.21 -0.67
N GLN A 335 -13.19 -7.21 -1.26
CA GLN A 335 -13.78 -7.10 -2.62
C GLN A 335 -14.77 -5.92 -2.67
N SER A 336 -15.63 -5.78 -1.66
CA SER A 336 -16.63 -4.68 -1.57
C SER A 336 -15.89 -3.33 -1.61
N VAL A 337 -14.82 -3.19 -0.85
CA VAL A 337 -14.09 -1.89 -0.81
C VAL A 337 -13.70 -1.55 -2.24
N PHE A 338 -13.05 -2.47 -2.98
CA PHE A 338 -12.51 -2.17 -4.33
C PHE A 338 -13.67 -1.94 -5.32
N GLU A 339 -14.72 -2.74 -5.24
CA GLU A 339 -15.93 -2.55 -6.09
C GLU A 339 -16.58 -1.18 -5.83
N HIS A 340 -16.68 -0.78 -4.57
CA HIS A 340 -17.21 0.56 -4.24
C HIS A 340 -16.35 1.65 -4.88
N LEU A 341 -15.03 1.59 -4.71
CA LEU A 341 -14.20 2.71 -5.19
C LEU A 341 -14.20 2.69 -6.72
N ASN A 342 -14.21 1.50 -7.33
CA ASN A 342 -14.33 1.38 -8.81
C ASN A 342 -15.60 2.07 -9.32
N HIS A 343 -16.72 1.85 -8.65
CA HIS A 343 -18.04 2.47 -9.01
C HIS A 343 -17.90 4.00 -9.00
N GLU A 344 -17.35 4.56 -7.93
CA GLU A 344 -17.15 6.02 -7.80
C GLU A 344 -16.28 6.50 -8.95
N LEU A 345 -15.22 5.77 -9.29
CA LEU A 345 -14.28 6.20 -10.36
C LEU A 345 -14.99 6.15 -11.73
N GLU A 346 -15.76 5.09 -11.98
CA GLU A 346 -16.52 4.92 -13.25
C GLU A 346 -17.43 6.13 -13.49
N ILE A 347 -18.14 6.56 -12.43
CA ILE A 347 -19.03 7.74 -12.52
C ILE A 347 -18.18 8.94 -12.93
N VAL A 348 -17.09 9.19 -12.21
CA VAL A 348 -16.24 10.37 -12.51
C VAL A 348 -15.76 10.31 -13.96
N MET A 349 -15.28 9.15 -14.40
CA MET A 349 -14.73 9.00 -15.77
C MET A 349 -15.81 9.34 -16.82
N GLN A 350 -17.04 8.86 -16.63
CA GLN A 350 -18.17 9.18 -17.54
C GLN A 350 -18.36 10.69 -17.57
N LEU A 351 -18.50 11.33 -16.41
CA LEU A 351 -18.79 12.78 -16.31
C LEU A 351 -17.62 13.62 -16.81
N ALA A 352 -16.40 13.09 -16.75
CA ALA A 352 -15.18 13.80 -17.18
C ALA A 352 -14.87 13.48 -18.64
N GLY A 353 -15.60 12.56 -19.26
CA GLY A 353 -15.36 12.26 -20.70
C GLY A 353 -14.11 11.43 -20.99
N THR A 354 -13.66 10.59 -20.04
CA THR A 354 -12.48 9.69 -20.20
C THR A 354 -12.97 8.25 -20.33
N LYS A 355 -12.80 7.68 -21.52
CA LYS A 355 -13.25 6.30 -21.85
C LYS A 355 -12.40 5.28 -21.10
N THR A 356 -11.08 5.47 -21.12
CA THR A 356 -10.09 4.48 -20.61
C THR A 356 -9.19 5.12 -19.54
N ILE A 357 -8.46 4.28 -18.80
CA ILE A 357 -7.50 4.78 -17.78
C ILE A 357 -6.46 5.68 -18.46
N GLU A 358 -6.01 5.33 -19.67
CA GLU A 358 -5.06 6.21 -20.42
C GLU A 358 -5.69 7.59 -20.68
N ASP A 359 -7.00 7.67 -20.90
CA ASP A 359 -7.70 8.95 -21.11
C ASP A 359 -7.65 9.76 -19.81
N VAL A 360 -7.84 9.12 -18.66
CA VAL A 360 -7.71 9.81 -17.35
C VAL A 360 -6.28 10.37 -17.21
N LYS A 361 -5.27 9.58 -17.57
CA LYS A 361 -3.86 10.00 -17.39
C LYS A 361 -3.62 11.26 -18.20
N ASN A 362 -4.30 11.43 -19.35
CA ASN A 362 -4.10 12.58 -20.26
C ASN A 362 -5.05 13.73 -19.93
N ASN A 363 -5.85 13.63 -18.88
CA ASN A 363 -6.82 14.68 -18.50
C ASN A 363 -6.05 15.80 -17.79
N SER A 364 -6.33 17.05 -18.15
CA SER A 364 -5.76 18.26 -17.55
C SER A 364 -6.66 18.73 -16.41
N LEU A 365 -6.22 18.62 -15.15
CA LEU A 365 -7.01 19.11 -13.99
C LEU A 365 -6.97 20.63 -13.94
N LEU A 366 -8.02 21.23 -13.36
CA LEU A 366 -8.11 22.66 -13.03
C LEU A 366 -7.36 22.92 -11.73
N ASN A 367 -6.89 24.16 -11.63
CA ASN A 367 -6.07 24.65 -10.50
C ASN A 367 -6.65 25.98 -10.05
N ILE A 368 -7.83 25.95 -9.44
CA ILE A 368 -8.44 27.09 -8.67
C ILE A 368 -8.09 26.89 -7.19
N LYS A 369 -7.90 27.99 -6.44
CA LYS A 369 -7.61 28.00 -4.97
C LYS A 369 -8.90 28.13 -4.15
N TYR A 370 -9.07 27.25 -3.17
CA TYR A 370 -10.27 27.13 -2.29
C TYR A 370 -9.88 27.21 -0.80
N1 FMN B . 3.94 0.34 4.08
C2 FMN B . 4.95 -0.53 3.79
O2 FMN B . 5.76 -0.30 2.82
N3 FMN B . 5.09 -1.67 4.51
C4 FMN B . 4.27 -2.00 5.52
O4 FMN B . 4.36 -3.01 6.25
C4A FMN B . 3.17 -1.12 5.86
N5 FMN B . 2.37 -1.42 6.90
C5A FMN B . 1.29 -0.62 7.16
C6 FMN B . 0.40 -0.94 8.19
C7 FMN B . -0.69 -0.12 8.44
C7M FMN B . -1.63 -0.49 9.55
C8 FMN B . -0.92 1.10 7.63
C8M FMN B . -2.13 1.98 7.96
C9 FMN B . -0.04 1.46 6.64
C9A FMN B . 1.06 0.63 6.37
N10 FMN B . 1.98 0.93 5.36
C10 FMN B . 3.07 0.09 5.06
C1' FMN B . 1.78 2.10 4.53
C2' FMN B . 0.90 1.72 3.34
O2' FMN B . 1.71 1.00 2.44
C3' FMN B . 0.39 2.95 2.60
O3' FMN B . 1.50 3.78 2.23
C4' FMN B . -0.60 3.78 3.41
O4' FMN B . -1.51 2.96 4.16
C5' FMN B . -1.35 4.69 2.43
O5' FMN B . -2.20 5.63 3.09
P FMN B . -3.81 5.31 3.39
O1P FMN B . -4.33 6.61 3.88
O2P FMN B . -3.88 4.22 4.47
O3P FMN B . -4.28 4.98 2.00
C1 GOL C . 5.00 -0.64 8.64
O1 GOL C . 5.92 0.05 7.79
C2 GOL C . 4.21 0.33 9.50
O2 GOL C . 3.48 1.40 8.88
C3 GOL C . 3.22 -0.39 10.34
O3 GOL C . 2.70 0.57 11.23
C1 GOL D . -0.50 17.48 -7.71
O1 GOL D . 0.85 17.28 -7.29
C2 GOL D . -0.88 18.95 -7.76
O2 GOL D . -0.24 19.55 -8.88
C3 GOL D . -0.52 19.75 -6.52
O3 GOL D . -1.61 19.84 -5.60
C1 GOL E . -5.93 13.20 -24.88
O1 GOL E . -6.22 14.45 -24.24
C2 GOL E . -7.11 12.24 -24.83
O2 GOL E . -6.76 11.03 -24.14
C3 GOL E . -7.67 11.97 -26.22
O3 GOL E . -7.00 10.90 -26.89
C1 GOL F . -2.34 14.68 -17.64
O1 GOL F . -2.78 15.51 -16.55
C2 GOL F . -1.33 15.38 -18.55
O2 GOL F . -1.85 15.54 -19.88
C3 GOL F . -0.94 16.75 -18.05
O3 GOL F . -2.09 17.53 -17.75
C1 GOL G . 5.76 3.77 -18.69
O1 GOL G . 6.90 3.47 -17.90
C2 GOL G . 4.51 3.86 -17.83
O2 GOL G . 3.86 5.09 -18.10
C3 GOL G . 3.55 2.70 -18.05
O3 GOL G . 2.69 2.46 -16.93
#